data_6POG
#
_entry.id   6POG
#
_cell.length_a   41.873
_cell.length_b   90.439
_cell.length_c   171.576
_cell.angle_alpha   90.00
_cell.angle_beta   90.00
_cell.angle_gamma   90.00
#
_symmetry.space_group_name_H-M   'P 21 21 21'
#
loop_
_entity.id
_entity.type
_entity.pdbx_description
1 polymer 'Roundabout homolog 3'
2 polymer 'Protein kinase C-binding protein NELL2'
3 branched 2-acetamido-2-deoxy-beta-D-glucopyranose-(1-4)-[alpha-L-fucopyranose-(1-6)]2-acetamido-2-deoxy-beta-D-glucopyranose
4 non-polymer 2-acetamido-2-deoxy-beta-D-glucopyranose
5 non-polymer 'CALCIUM ION'
#
loop_
_entity_poly.entity_id
_entity_poly.type
_entity_poly.pdbx_seq_one_letter_code
_entity_poly.pdbx_strand_id
1 'polypeptide(L)'
;AEPSSPPGAPSQPVVTEITKNSITLTWKPNPQTGAAVTSYVIEAFSPAAGNTWRTVADGVQLETHTVSGLQPNTIYLFLV
RAVGAWGLSEPSPVSEPVRTQDSSPSRPVEDPWR
;
A
2 'polypeptide(L)'
;AGYDFCSERHNCMENSICRNLNDRAVCSCRDGFRALREDNAYCEDIDECAEGRHYCRENTMCVNTPGSFMCICKTGYIRI
DDYSCTEHDECITNQHNCDENALCFNTVGGHNCVCKPGYTGNGTTCKAFCKDGCRNGGACIAANVCACPQGFTGPSCETD
IDECSDGFVQCDSRANCINLPGWYHCECRDGYHDNGMFSPSGESCEDIDECGTGRHSCANDTICFNLDGGYDCRCPHGKN
CTGHHHHHH
;
B
#
loop_
_chem_comp.id
_chem_comp.type
_chem_comp.name
_chem_comp.formula
CA non-polymer 'CALCIUM ION' 'Ca 2'
FUC L-saccharide, alpha linking alpha-L-fucopyranose 'C6 H12 O5'
NAG D-saccharide, beta linking 2-acetamido-2-deoxy-beta-D-glucopyranose 'C8 H15 N O6'
#
# COMPACT_ATOMS: atom_id res chain seq x y z
N SER A 4 -31.82 20.34 -11.30
CA SER A 4 -31.82 19.40 -12.41
C SER A 4 -30.48 18.69 -12.52
N SER A 5 -29.66 18.77 -11.47
CA SER A 5 -28.34 18.18 -11.49
C SER A 5 -28.18 17.19 -10.34
N PRO A 6 -27.32 16.19 -10.50
CA PRO A 6 -27.03 15.28 -9.39
C PRO A 6 -26.17 15.98 -8.35
N PRO A 7 -26.05 15.40 -7.16
CA PRO A 7 -25.19 16.01 -6.13
C PRO A 7 -23.72 16.02 -6.55
N GLY A 8 -22.93 16.73 -5.77
CA GLY A 8 -21.50 16.73 -5.98
C GLY A 8 -20.87 15.43 -5.49
N ALA A 9 -19.64 15.22 -5.90
CA ALA A 9 -18.94 13.99 -5.52
C ALA A 9 -18.41 14.09 -4.09
N PRO A 10 -18.55 13.03 -3.30
CA PRO A 10 -18.04 13.08 -1.92
C PRO A 10 -16.53 13.18 -1.85
N SER A 11 -15.98 13.29 -0.66
CA SER A 11 -14.54 13.33 -0.48
C SER A 11 -13.97 11.91 -0.56
N GLN A 12 -12.63 11.84 -0.60
CA GLN A 12 -11.96 10.55 -0.68
C GLN A 12 -12.25 9.72 0.57
N PRO A 13 -12.81 8.52 0.43
CA PRO A 13 -13.08 7.70 1.62
C PRO A 13 -11.79 7.24 2.28
N VAL A 14 -11.85 7.11 3.60
CA VAL A 14 -10.71 6.69 4.41
C VAL A 14 -11.00 5.31 4.98
N VAL A 15 -9.95 4.50 5.12
CA VAL A 15 -10.06 3.14 5.62
C VAL A 15 -9.66 3.12 7.09
N THR A 16 -10.54 2.60 7.94
CA THR A 16 -10.36 2.69 9.39
C THR A 16 -10.09 1.31 10.00
N GLU A 17 -11.07 0.40 9.99
CA GLU A 17 -10.90 -0.92 10.57
C GLU A 17 -10.56 -1.91 9.45
N ILE A 18 -9.46 -2.63 9.62
CA ILE A 18 -9.00 -3.60 8.63
C ILE A 18 -8.84 -4.95 9.31
N THR A 19 -9.70 -5.90 8.95
CA THR A 19 -9.58 -7.28 9.40
C THR A 19 -9.12 -8.13 8.21
N LYS A 20 -9.31 -9.44 8.31
CA LYS A 20 -9.08 -10.33 7.19
C LYS A 20 -10.33 -10.60 6.37
N ASN A 21 -11.49 -10.08 6.80
CA ASN A 21 -12.72 -10.30 6.06
C ASN A 21 -13.57 -9.03 5.91
N SER A 22 -13.15 -7.90 6.44
CA SER A 22 -14.00 -6.71 6.43
C SER A 22 -13.13 -5.46 6.47
N ILE A 23 -13.74 -4.33 6.09
CA ILE A 23 -13.08 -3.02 6.06
C ILE A 23 -14.13 -1.95 6.37
N THR A 24 -13.72 -0.94 7.14
CA THR A 24 -14.58 0.19 7.48
C THR A 24 -14.18 1.41 6.66
N LEU A 25 -15.18 2.12 6.13
CA LEU A 25 -14.95 3.30 5.30
C LEU A 25 -15.52 4.54 5.96
N THR A 26 -14.83 5.66 5.77
CA THR A 26 -15.27 6.96 6.28
C THR A 26 -15.06 8.00 5.18
N TRP A 27 -16.13 8.72 4.85
CA TRP A 27 -16.07 9.76 3.82
C TRP A 27 -16.85 10.98 4.29
N LYS A 28 -16.53 12.12 3.68
CA LYS A 28 -17.24 13.35 3.95
C LYS A 28 -17.96 13.82 2.68
N PRO A 29 -19.15 14.38 2.81
CA PRO A 29 -19.83 14.93 1.62
C PRO A 29 -19.08 16.12 1.06
N ASN A 30 -19.47 16.51 -0.15
CA ASN A 30 -18.77 17.58 -0.84
C ASN A 30 -19.10 18.92 -0.18
N PRO A 31 -18.10 19.79 0.02
CA PRO A 31 -18.42 21.15 0.46
C PRO A 31 -19.34 21.89 -0.50
N GLN A 32 -19.25 21.58 -1.79
CA GLN A 32 -20.18 22.09 -2.79
C GLN A 32 -21.01 20.93 -3.33
N THR A 33 -21.90 20.42 -2.49
CA THR A 33 -22.75 19.30 -2.89
C THR A 33 -23.80 19.74 -3.91
N GLY A 34 -24.39 20.92 -3.72
CA GLY A 34 -25.24 21.53 -4.72
C GLY A 34 -26.67 21.03 -4.77
N ALA A 35 -26.93 19.78 -4.36
CA ALA A 35 -28.27 19.22 -4.45
C ALA A 35 -28.50 18.28 -3.28
N ALA A 36 -29.76 18.19 -2.87
CA ALA A 36 -30.12 17.39 -1.69
C ALA A 36 -29.72 15.93 -1.88
N VAL A 37 -28.83 15.44 -1.02
CA VAL A 37 -28.40 14.05 -1.05
C VAL A 37 -29.39 13.19 -0.28
N THR A 38 -29.71 12.02 -0.85
CA THR A 38 -30.61 11.06 -0.21
C THR A 38 -29.87 9.88 0.41
N SER A 39 -28.82 9.37 -0.23
CA SER A 39 -28.05 8.25 0.28
C SER A 39 -26.69 8.24 -0.41
N TYR A 40 -25.88 7.22 -0.10
CA TYR A 40 -24.57 7.06 -0.70
C TYR A 40 -24.45 5.65 -1.28
N VAL A 41 -23.59 5.51 -2.28
CA VAL A 41 -23.35 4.24 -2.95
C VAL A 41 -21.85 3.95 -2.88
N ILE A 42 -21.50 2.77 -2.38
CA ILE A 42 -20.12 2.36 -2.17
C ILE A 42 -19.74 1.32 -3.21
N GLU A 43 -18.60 1.51 -3.84
CA GLU A 43 -18.09 0.61 -4.87
C GLU A 43 -16.69 0.12 -4.49
N ALA A 44 -16.42 -1.16 -4.75
CA ALA A 44 -15.15 -1.77 -4.42
C ALA A 44 -14.43 -2.20 -5.69
N PHE A 45 -13.12 -2.46 -5.56
CA PHE A 45 -12.31 -2.86 -6.69
C PHE A 45 -11.21 -3.79 -6.20
N SER A 46 -11.05 -4.93 -6.88
CA SER A 46 -9.99 -5.87 -6.55
C SER A 46 -9.34 -6.35 -7.84
N PRO A 47 -8.02 -6.16 -8.00
CA PRO A 47 -7.36 -6.66 -9.22
C PRO A 47 -7.49 -8.15 -9.41
N ALA A 48 -7.64 -8.92 -8.33
CA ALA A 48 -7.81 -10.36 -8.46
C ALA A 48 -9.18 -10.72 -9.02
N ALA A 49 -10.19 -9.88 -8.80
CA ALA A 49 -11.54 -10.18 -9.28
C ALA A 49 -11.70 -9.82 -10.75
N GLY A 50 -11.35 -8.60 -11.14
CA GLY A 50 -11.52 -8.19 -12.53
C GLY A 50 -11.18 -6.73 -12.71
N ASN A 51 -11.79 -6.12 -13.74
CA ASN A 51 -11.58 -4.72 -14.06
C ASN A 51 -12.85 -3.89 -13.90
N THR A 52 -13.81 -4.38 -13.13
CA THR A 52 -15.05 -3.66 -12.87
C THR A 52 -15.14 -3.31 -11.39
N TRP A 53 -16.01 -2.35 -11.07
CA TRP A 53 -16.23 -1.90 -9.70
C TRP A 53 -17.53 -2.51 -9.20
N ARG A 54 -17.42 -3.45 -8.27
CA ARG A 54 -18.59 -4.07 -7.67
C ARG A 54 -19.26 -3.11 -6.70
N THR A 55 -20.59 -3.00 -6.80
CA THR A 55 -21.37 -2.15 -5.89
C THR A 55 -21.68 -2.97 -4.64
N VAL A 56 -20.99 -2.65 -3.55
CA VAL A 56 -21.09 -3.44 -2.33
C VAL A 56 -22.08 -2.87 -1.32
N ALA A 57 -22.58 -1.65 -1.52
CA ALA A 57 -23.51 -1.05 -0.58
C ALA A 57 -24.28 0.07 -1.26
N ASP A 58 -25.60 0.09 -1.04
CA ASP A 58 -26.43 1.18 -1.51
C ASP A 58 -27.42 1.54 -0.40
N GLY A 59 -28.08 2.69 -0.57
CA GLY A 59 -29.01 3.15 0.44
C GLY A 59 -28.39 3.56 1.76
N VAL A 60 -27.06 3.65 1.81
CA VAL A 60 -26.38 4.03 3.04
C VAL A 60 -26.72 5.48 3.40
N GLN A 61 -27.12 5.69 4.65
CA GLN A 61 -27.51 7.02 5.12
C GLN A 61 -26.44 7.71 5.96
N LEU A 62 -25.64 6.96 6.71
CA LEU A 62 -24.53 7.56 7.42
C LEU A 62 -23.31 7.66 6.51
N GLU A 63 -22.36 8.51 6.92
CA GLU A 63 -21.11 8.67 6.20
C GLU A 63 -20.03 7.70 6.65
N THR A 64 -20.44 6.53 7.16
CA THR A 64 -19.53 5.48 7.58
C THR A 64 -20.19 4.14 7.31
N HIS A 65 -19.42 3.17 6.85
CA HIS A 65 -19.95 1.86 6.56
C HIS A 65 -18.83 0.83 6.63
N THR A 66 -19.20 -0.39 7.03
CA THR A 66 -18.25 -1.49 7.18
C THR A 66 -18.55 -2.52 6.08
N VAL A 67 -17.66 -2.59 5.09
CA VAL A 67 -17.79 -3.57 4.02
C VAL A 67 -17.17 -4.88 4.50
N SER A 68 -18.01 -5.91 4.69
CA SER A 68 -17.56 -7.23 5.11
C SER A 68 -17.66 -8.19 3.94
N GLY A 69 -17.62 -9.49 4.23
CA GLY A 69 -17.67 -10.50 3.20
C GLY A 69 -16.52 -10.46 2.22
N LEU A 70 -15.38 -9.91 2.62
CA LEU A 70 -14.24 -9.77 1.74
C LEU A 70 -13.37 -11.04 1.79
N GLN A 71 -12.25 -11.00 1.06
CA GLN A 71 -11.34 -12.12 0.96
C GLN A 71 -10.03 -11.82 1.68
N PRO A 72 -9.45 -12.80 2.38
CA PRO A 72 -8.19 -12.56 3.09
C PRO A 72 -7.04 -12.36 2.13
N ASN A 73 -6.12 -11.47 2.49
CA ASN A 73 -4.88 -11.23 1.76
C ASN A 73 -5.16 -10.81 0.32
N THR A 74 -5.94 -9.73 0.18
CA THR A 74 -6.34 -9.22 -1.12
C THR A 74 -6.37 -7.70 -1.07
N ILE A 75 -5.91 -7.07 -2.15
CA ILE A 75 -5.88 -5.62 -2.26
C ILE A 75 -7.24 -5.11 -2.71
N TYR A 76 -7.71 -4.03 -2.09
CA TYR A 76 -8.98 -3.43 -2.43
C TYR A 76 -8.84 -1.91 -2.55
N LEU A 77 -9.72 -1.31 -3.34
CA LEU A 77 -9.88 0.13 -3.41
C LEU A 77 -11.38 0.44 -3.39
N PHE A 78 -11.71 1.69 -3.06
CA PHE A 78 -13.11 2.05 -2.86
C PHE A 78 -13.37 3.47 -3.36
N LEU A 79 -14.63 3.75 -3.63
CA LEU A 79 -15.10 5.08 -3.98
C LEU A 79 -16.58 5.18 -3.63
N VAL A 80 -17.06 6.40 -3.44
CA VAL A 80 -18.41 6.67 -2.97
C VAL A 80 -19.11 7.61 -3.94
N ARG A 81 -20.37 7.33 -4.23
CA ARG A 81 -21.22 8.19 -5.04
C ARG A 81 -22.36 8.75 -4.20
N ALA A 82 -22.63 10.04 -4.34
CA ALA A 82 -23.83 10.61 -3.75
C ALA A 82 -25.04 10.30 -4.63
N VAL A 83 -26.22 10.36 -4.03
CA VAL A 83 -27.47 10.03 -4.72
C VAL A 83 -28.49 11.13 -4.42
N GLY A 84 -28.91 11.86 -5.45
CA GLY A 84 -29.92 12.88 -5.30
C GLY A 84 -31.16 12.62 -6.12
N ALA A 85 -32.05 13.62 -6.21
CA ALA A 85 -33.31 13.43 -6.93
C ALA A 85 -33.11 13.31 -8.44
N TRP A 86 -31.94 13.71 -8.96
CA TRP A 86 -31.69 13.69 -10.40
C TRP A 86 -30.54 12.75 -10.75
N GLY A 87 -30.31 11.72 -9.93
CA GLY A 87 -29.33 10.72 -10.27
C GLY A 87 -28.16 10.59 -9.31
N LEU A 88 -27.06 10.03 -9.80
CA LEU A 88 -25.88 9.76 -8.99
C LEU A 88 -24.78 10.75 -9.34
N SER A 89 -23.90 10.98 -8.37
CA SER A 89 -22.79 11.92 -8.56
C SER A 89 -21.63 11.24 -9.28
N GLU A 90 -20.67 12.08 -9.69
CA GLU A 90 -19.39 11.57 -10.11
C GLU A 90 -18.76 10.79 -8.94
N PRO A 91 -17.94 9.80 -9.24
CA PRO A 91 -17.30 9.05 -8.14
C PRO A 91 -16.39 9.94 -7.31
N SER A 92 -16.26 9.59 -6.04
CA SER A 92 -15.30 10.24 -5.18
C SER A 92 -13.89 9.86 -5.62
N PRO A 93 -12.87 10.58 -5.16
CA PRO A 93 -11.50 10.10 -5.36
C PRO A 93 -11.34 8.71 -4.77
N VAL A 94 -10.69 7.83 -5.54
CA VAL A 94 -10.51 6.46 -5.10
C VAL A 94 -9.67 6.43 -3.83
N SER A 95 -10.07 5.57 -2.88
CA SER A 95 -9.33 5.44 -1.65
C SER A 95 -7.95 4.85 -1.91
N GLU A 96 -7.04 5.08 -0.96
CA GLU A 96 -5.72 4.50 -1.05
C GLU A 96 -5.82 2.97 -0.98
N PRO A 97 -4.96 2.26 -1.71
CA PRO A 97 -5.01 0.79 -1.67
C PRO A 97 -4.64 0.25 -0.29
N VAL A 98 -5.43 -0.73 0.16
CA VAL A 98 -5.16 -1.45 1.40
C VAL A 98 -5.33 -2.94 1.13
N ARG A 99 -4.65 -3.74 1.95
CA ARG A 99 -4.68 -5.19 1.81
C ARG A 99 -5.26 -5.80 3.08
N THR A 100 -6.26 -6.66 2.91
CA THR A 100 -6.85 -7.33 4.06
C THR A 100 -5.84 -8.23 4.74
N GLN A 101 -6.04 -8.47 6.04
CA GLN A 101 -5.10 -9.26 6.81
C GLN A 101 -5.10 -10.71 6.35
N ASP A 102 -4.15 -11.47 6.89
CA ASP A 102 -3.98 -12.88 6.58
C ASP A 102 -4.39 -13.72 7.77
N SER A 103 -4.70 -14.98 7.51
CA SER A 103 -5.08 -15.92 8.56
C SER A 103 -3.84 -16.46 9.27
N SER A 104 -3.94 -17.67 9.82
CA SER A 104 -2.82 -18.27 10.53
C SER A 104 -2.59 -19.70 10.06
N ASP B 4 -48.87 -7.83 16.82
CA ASP B 4 -48.92 -7.68 15.38
C ASP B 4 -50.25 -7.08 14.93
N PHE B 5 -50.32 -5.74 14.98
CA PHE B 5 -51.54 -5.04 14.58
C PHE B 5 -51.73 -5.08 13.07
N CYS B 6 -50.66 -4.89 12.29
CA CYS B 6 -50.79 -4.90 10.84
C CYS B 6 -51.43 -6.18 10.34
N SER B 7 -51.25 -7.28 11.08
CA SER B 7 -51.84 -8.55 10.67
C SER B 7 -53.35 -8.53 10.87
N GLU B 8 -53.83 -7.81 11.88
CA GLU B 8 -55.25 -7.80 12.19
C GLU B 8 -56.02 -6.95 11.17
N ARG B 9 -55.69 -5.68 11.09
CA ARG B 9 -56.36 -4.76 10.17
C ARG B 9 -55.33 -3.73 9.70
N HIS B 10 -55.81 -2.59 9.23
CA HIS B 10 -54.97 -1.54 8.66
C HIS B 10 -54.09 -2.09 7.55
N ASN B 11 -54.75 -2.57 6.50
CA ASN B 11 -54.05 -3.22 5.40
C ASN B 11 -53.15 -2.25 4.65
N CYS B 12 -52.03 -2.76 4.16
CA CYS B 12 -51.11 -2.00 3.33
C CYS B 12 -51.08 -2.63 1.95
N MET B 13 -51.11 -1.79 0.91
CA MET B 13 -51.17 -2.26 -0.46
C MET B 13 -49.90 -3.05 -0.82
N GLU B 14 -49.97 -3.74 -1.95
CA GLU B 14 -48.90 -4.67 -2.33
C GLU B 14 -47.55 -3.98 -2.44
N ASN B 15 -47.53 -2.72 -2.85
CA ASN B 15 -46.28 -1.97 -3.00
C ASN B 15 -45.85 -1.31 -1.70
N SER B 16 -46.50 -1.61 -0.59
CA SER B 16 -46.14 -1.05 0.70
C SER B 16 -45.81 -2.17 1.68
N ILE B 17 -44.97 -1.86 2.66
CA ILE B 17 -44.52 -2.85 3.65
C ILE B 17 -45.24 -2.58 4.97
N CYS B 18 -45.96 -3.60 5.46
CA CYS B 18 -46.69 -3.49 6.71
C CYS B 18 -45.72 -3.61 7.88
N ARG B 19 -45.64 -2.56 8.70
CA ARG B 19 -44.74 -2.52 9.86
C ARG B 19 -45.61 -2.68 11.10
N ASN B 20 -45.66 -3.88 11.65
CA ASN B 20 -46.38 -4.13 12.90
C ASN B 20 -45.83 -3.22 14.00
N LEU B 21 -46.74 -2.46 14.62
CA LEU B 21 -46.39 -1.45 15.61
C LEU B 21 -47.22 -1.66 16.87
N ASN B 22 -46.81 -0.97 17.94
CA ASN B 22 -47.48 -1.12 19.24
C ASN B 22 -48.72 -0.23 19.33
N ASP B 23 -48.56 1.07 19.13
CA ASP B 23 -49.68 2.01 19.27
C ASP B 23 -50.33 2.35 17.93
N ARG B 24 -49.96 1.67 16.84
CA ARG B 24 -50.53 1.94 15.53
C ARG B 24 -50.23 0.76 14.61
N ALA B 25 -50.51 0.93 13.32
CA ALA B 25 -50.21 -0.05 12.27
C ALA B 25 -49.96 0.75 10.99
N VAL B 26 -48.73 1.20 10.83
CA VAL B 26 -48.36 2.21 9.85
C VAL B 26 -47.85 1.55 8.57
N CYS B 27 -48.25 2.08 7.42
CA CYS B 27 -47.76 1.60 6.14
C CYS B 27 -46.58 2.45 5.69
N SER B 28 -45.65 1.81 4.99
CA SER B 28 -44.54 2.49 4.33
C SER B 28 -44.24 1.77 3.02
N CYS B 29 -43.69 2.51 2.07
CA CYS B 29 -43.40 1.94 0.76
C CYS B 29 -42.08 1.16 0.80
N ARG B 30 -41.89 0.32 -0.22
CA ARG B 30 -40.65 -0.41 -0.35
C ARG B 30 -39.61 0.43 -1.09
N ASP B 31 -38.34 0.07 -0.91
CA ASP B 31 -37.25 0.82 -1.53
C ASP B 31 -37.35 0.77 -3.04
N GLY B 32 -37.25 1.93 -3.67
CA GLY B 32 -37.43 2.06 -5.11
C GLY B 32 -38.83 2.48 -5.54
N PHE B 33 -39.73 2.68 -4.60
CA PHE B 33 -41.10 3.08 -4.88
C PHE B 33 -41.42 4.39 -4.18
N ARG B 34 -42.29 5.19 -4.80
CA ARG B 34 -42.65 6.50 -4.28
C ARG B 34 -44.12 6.51 -3.88
N ALA B 35 -44.40 7.09 -2.72
CA ALA B 35 -45.77 7.12 -2.20
C ALA B 35 -46.66 8.00 -3.07
N LEU B 36 -47.86 7.51 -3.36
CA LEU B 36 -48.82 8.23 -4.19
C LEU B 36 -49.91 8.90 -3.36
N ARG B 37 -50.38 8.27 -2.29
CA ARG B 37 -51.41 8.84 -1.45
C ARG B 37 -50.77 9.56 -0.27
N GLU B 38 -51.62 10.15 0.59
CA GLU B 38 -51.13 10.81 1.80
C GLU B 38 -50.39 9.81 2.68
N ASP B 39 -51.08 8.78 3.15
CA ASP B 39 -50.44 7.65 3.78
C ASP B 39 -49.78 6.78 2.72
N ASN B 40 -48.74 6.06 3.12
CA ASN B 40 -47.99 5.23 2.19
C ASN B 40 -48.76 3.98 1.83
N ALA B 41 -49.99 4.13 1.33
CA ALA B 41 -50.81 3.00 0.97
C ALA B 41 -50.33 2.36 -0.33
N TYR B 42 -50.70 2.95 -1.47
CA TYR B 42 -50.29 2.47 -2.77
C TYR B 42 -49.15 3.32 -3.31
N CYS B 43 -48.04 2.67 -3.66
CA CYS B 43 -46.87 3.36 -4.18
C CYS B 43 -46.50 2.79 -5.54
N GLU B 44 -45.96 3.65 -6.40
CA GLU B 44 -45.52 3.25 -7.73
C GLU B 44 -44.00 3.19 -7.77
N ASP B 45 -43.47 2.38 -8.68
CA ASP B 45 -42.02 2.32 -8.88
C ASP B 45 -41.52 3.65 -9.42
N ILE B 46 -40.37 4.08 -8.92
CA ILE B 46 -39.73 5.27 -9.44
C ILE B 46 -39.06 4.93 -10.76
N ASP B 47 -39.18 5.83 -11.73
CA ASP B 47 -38.64 5.61 -13.07
C ASP B 47 -37.29 6.32 -13.15
N GLU B 48 -36.23 5.59 -12.81
CA GLU B 48 -34.89 6.15 -12.81
C GLU B 48 -34.42 6.57 -14.20
N CYS B 49 -35.08 6.10 -15.26
CA CYS B 49 -34.73 6.44 -16.62
C CYS B 49 -35.54 7.62 -17.15
N ALA B 50 -36.26 8.32 -16.29
CA ALA B 50 -37.11 9.43 -16.73
C ALA B 50 -36.26 10.55 -17.34
N GLU B 51 -36.92 11.42 -18.09
CA GLU B 51 -36.24 12.49 -18.79
C GLU B 51 -35.53 13.41 -17.82
N GLY B 52 -34.22 13.51 -17.94
CA GLY B 52 -33.40 14.35 -17.10
C GLY B 52 -32.66 13.62 -16.00
N ARG B 53 -33.17 12.47 -15.56
CA ARG B 53 -32.54 11.72 -14.49
C ARG B 53 -31.23 11.10 -14.97
N HIS B 54 -30.16 11.31 -14.21
CA HIS B 54 -28.86 10.76 -14.56
C HIS B 54 -28.42 9.69 -13.56
N TYR B 55 -29.29 8.72 -13.32
CA TYR B 55 -28.90 7.58 -12.49
C TYR B 55 -27.88 6.71 -13.21
N CYS B 56 -28.04 6.54 -14.52
CA CYS B 56 -27.01 5.94 -15.37
C CYS B 56 -26.13 7.06 -15.92
N ARG B 57 -24.81 6.87 -15.83
CA ARG B 57 -23.88 7.93 -16.18
C ARG B 57 -23.33 7.78 -17.59
N GLU B 58 -22.03 7.97 -17.75
CA GLU B 58 -21.43 8.11 -19.08
C GLU B 58 -21.55 6.84 -19.90
N ASN B 59 -21.98 7.00 -21.16
CA ASN B 59 -21.90 5.95 -22.17
C ASN B 59 -22.71 4.71 -21.79
N THR B 60 -23.91 4.92 -21.26
CA THR B 60 -24.80 3.84 -20.87
C THR B 60 -26.21 4.11 -21.37
N MET B 61 -27.01 3.05 -21.40
CA MET B 61 -28.43 3.13 -21.72
C MET B 61 -29.22 2.60 -20.52
N CYS B 62 -30.25 3.34 -20.13
CA CYS B 62 -30.96 3.06 -18.89
C CYS B 62 -32.11 2.10 -19.13
N VAL B 63 -32.30 1.18 -18.18
CA VAL B 63 -33.41 0.23 -18.19
C VAL B 63 -34.07 0.26 -16.82
N ASN B 64 -35.35 0.61 -16.79
CA ASN B 64 -36.09 0.75 -15.54
C ASN B 64 -36.73 -0.57 -15.15
N THR B 65 -36.51 -0.99 -13.91
CA THR B 65 -37.08 -2.20 -13.34
C THR B 65 -37.95 -1.84 -12.13
N PRO B 66 -38.90 -2.70 -11.76
CA PRO B 66 -39.72 -2.42 -10.58
C PRO B 66 -38.90 -2.45 -9.29
N GLY B 67 -38.57 -1.27 -8.77
CA GLY B 67 -37.80 -1.15 -7.55
C GLY B 67 -36.35 -0.78 -7.75
N SER B 68 -35.84 -0.83 -8.97
CA SER B 68 -34.43 -0.53 -9.21
C SER B 68 -34.25 -0.11 -10.67
N PHE B 69 -33.07 -0.37 -11.22
CA PHE B 69 -32.72 -0.03 -12.59
C PHE B 69 -31.38 -0.67 -12.92
N MET B 70 -31.06 -0.72 -14.21
CA MET B 70 -29.78 -1.21 -14.68
C MET B 70 -29.35 -0.39 -15.89
N CYS B 71 -28.03 -0.40 -16.16
CA CYS B 71 -27.45 0.41 -17.22
C CYS B 71 -26.61 -0.49 -18.12
N ILE B 72 -27.03 -0.66 -19.36
CA ILE B 72 -26.25 -1.40 -20.36
C ILE B 72 -25.25 -0.47 -21.01
N CYS B 73 -24.04 -0.96 -21.25
CA CYS B 73 -23.04 -0.17 -21.95
C CYS B 73 -23.47 0.06 -23.39
N LYS B 74 -23.10 1.22 -23.93
CA LYS B 74 -23.24 1.43 -25.37
C LYS B 74 -22.37 0.44 -26.11
N THR B 75 -22.78 0.13 -27.34
CA THR B 75 -22.32 -1.09 -28.02
C THR B 75 -20.79 -1.18 -28.06
N GLY B 76 -20.12 -0.13 -28.51
CA GLY B 76 -18.68 -0.20 -28.63
C GLY B 76 -17.90 0.06 -27.38
N TYR B 77 -18.56 0.15 -26.23
CA TYR B 77 -17.95 0.56 -24.98
C TYR B 77 -17.80 -0.62 -24.02
N ILE B 78 -16.85 -0.50 -23.11
CA ILE B 78 -16.56 -1.53 -22.12
C ILE B 78 -16.83 -0.96 -20.73
N ARG B 79 -17.26 -1.83 -19.83
CA ARG B 79 -17.84 -1.39 -18.56
C ARG B 79 -16.77 -1.03 -17.53
N ILE B 80 -17.01 0.07 -16.82
CA ILE B 80 -16.23 0.44 -15.64
C ILE B 80 -16.92 0.00 -14.36
N ASP B 81 -18.18 0.36 -14.19
CA ASP B 81 -18.99 -0.06 -13.06
C ASP B 81 -20.44 -0.19 -13.51
N ASP B 82 -21.35 -0.39 -12.56
CA ASP B 82 -22.76 -0.56 -12.88
C ASP B 82 -23.40 0.69 -13.45
N TYR B 83 -22.68 1.82 -13.53
CA TYR B 83 -23.27 3.08 -13.95
C TYR B 83 -22.50 3.80 -15.04
N SER B 84 -21.36 3.27 -15.49
CA SER B 84 -20.55 3.97 -16.47
C SER B 84 -19.73 2.98 -17.29
N CYS B 85 -19.42 3.37 -18.53
CA CYS B 85 -18.57 2.60 -19.42
C CYS B 85 -17.63 3.57 -20.14
N THR B 86 -16.51 3.03 -20.64
CA THR B 86 -15.52 3.83 -21.33
C THR B 86 -15.29 3.25 -22.73
N GLU B 87 -14.61 4.02 -23.56
CA GLU B 87 -14.49 3.66 -24.98
C GLU B 87 -13.47 2.56 -25.22
N HIS B 88 -12.32 2.63 -24.54
CA HIS B 88 -11.23 1.69 -24.78
C HIS B 88 -10.69 1.17 -23.45
N ASP B 89 -10.55 -0.16 -23.36
CA ASP B 89 -9.82 -0.77 -22.26
C ASP B 89 -8.37 -0.31 -22.32
N GLU B 90 -8.04 0.74 -21.57
CA GLU B 90 -6.76 1.42 -21.72
C GLU B 90 -5.62 0.79 -20.93
N CYS B 91 -5.87 -0.27 -20.16
CA CYS B 91 -4.76 -1.04 -19.59
C CYS B 91 -5.12 -2.53 -19.68
N ILE B 92 -4.82 -3.12 -20.83
CA ILE B 92 -4.73 -4.56 -20.94
C ILE B 92 -3.42 -5.03 -20.31
N THR B 93 -3.35 -6.31 -20.00
CA THR B 93 -2.17 -6.83 -19.32
C THR B 93 -0.98 -6.90 -20.27
N ASN B 94 0.22 -6.82 -19.69
CA ASN B 94 1.53 -6.93 -20.32
C ASN B 94 1.90 -5.69 -21.14
N GLN B 95 0.99 -4.74 -21.33
CA GLN B 95 1.26 -3.50 -22.06
C GLN B 95 1.26 -2.29 -21.13
N HIS B 96 1.03 -2.50 -19.84
CA HIS B 96 0.64 -1.46 -18.88
C HIS B 96 1.41 -0.16 -19.04
N ASN B 97 0.66 0.95 -19.03
CA ASN B 97 1.22 2.29 -18.94
C ASN B 97 1.57 2.68 -17.51
N CYS B 98 1.33 1.81 -16.54
CA CYS B 98 1.65 2.05 -15.15
C CYS B 98 2.95 1.36 -14.77
N ASP B 99 3.28 1.43 -13.48
CA ASP B 99 4.51 0.83 -12.97
C ASP B 99 4.31 -0.68 -12.75
N GLU B 100 5.44 -1.39 -12.63
CA GLU B 100 5.40 -2.81 -12.34
C GLU B 100 4.71 -3.09 -11.01
N ASN B 101 5.00 -2.28 -10.00
CA ASN B 101 4.36 -2.40 -8.69
C ASN B 101 3.28 -1.33 -8.53
N ALA B 102 2.31 -1.37 -9.43
CA ALA B 102 1.22 -0.41 -9.44
C ALA B 102 -0.05 -1.08 -9.93
N LEU B 103 -1.17 -0.38 -9.79
CA LEU B 103 -2.46 -0.85 -10.22
C LEU B 103 -3.00 0.04 -11.34
N CYS B 104 -3.92 -0.51 -12.13
CA CYS B 104 -4.62 0.27 -13.14
C CYS B 104 -6.09 -0.12 -13.17
N PHE B 105 -6.95 0.89 -13.14
CA PHE B 105 -8.37 0.71 -13.35
C PHE B 105 -8.82 1.71 -14.41
N ASN B 106 -9.82 1.31 -15.19
CA ASN B 106 -10.30 2.15 -16.29
C ASN B 106 -11.16 3.28 -15.76
N THR B 107 -11.00 4.46 -16.38
CA THR B 107 -11.80 5.64 -16.05
C THR B 107 -12.46 6.14 -17.33
N VAL B 108 -13.56 6.86 -17.16
CA VAL B 108 -14.23 7.51 -18.30
C VAL B 108 -13.26 8.52 -18.91
N GLY B 109 -12.70 8.18 -20.06
CA GLY B 109 -11.74 9.04 -20.70
C GLY B 109 -10.29 8.73 -20.38
N GLY B 110 -9.96 7.46 -20.20
CA GLY B 110 -8.58 7.07 -19.94
C GLY B 110 -8.43 6.03 -18.85
N HIS B 111 -7.39 6.17 -18.03
CA HIS B 111 -7.11 5.22 -16.97
C HIS B 111 -6.48 5.98 -15.80
N ASN B 112 -6.23 5.25 -14.71
CA ASN B 112 -5.56 5.79 -13.54
C ASN B 112 -4.57 4.76 -13.00
N CYS B 113 -3.41 5.22 -12.57
CA CYS B 113 -2.37 4.37 -12.00
C CYS B 113 -2.17 4.74 -10.54
N VAL B 114 -2.21 3.74 -9.66
CA VAL B 114 -1.93 3.92 -8.23
C VAL B 114 -0.93 2.85 -7.81
N CYS B 115 0.02 3.22 -6.96
CA CYS B 115 1.02 2.28 -6.49
C CYS B 115 0.42 1.29 -5.50
N LYS B 116 0.98 0.09 -5.45
CA LYS B 116 0.49 -0.95 -4.56
C LYS B 116 0.80 -0.60 -3.11
N PRO B 117 0.14 -1.27 -2.15
CA PRO B 117 0.49 -1.07 -0.74
C PRO B 117 1.95 -1.42 -0.49
N GLY B 118 2.62 -0.55 0.27
CA GLY B 118 4.05 -0.69 0.51
C GLY B 118 4.91 0.11 -0.43
N TYR B 119 4.33 0.78 -1.42
CA TYR B 119 5.07 1.59 -2.38
C TYR B 119 4.50 2.99 -2.40
N THR B 120 5.29 3.92 -2.96
CA THR B 120 4.89 5.32 -3.04
C THR B 120 5.32 5.88 -4.38
N GLY B 121 4.55 6.83 -4.89
CA GLY B 121 4.83 7.45 -6.18
C GLY B 121 3.55 8.00 -6.80
N ASN B 122 3.54 8.04 -8.14
CA ASN B 122 2.40 8.57 -8.87
C ASN B 122 1.93 7.59 -9.94
N GLY B 123 2.10 6.29 -9.69
CA GLY B 123 1.60 5.28 -10.60
C GLY B 123 2.53 5.03 -11.77
N THR B 124 2.96 6.10 -12.44
CA THR B 124 3.92 5.96 -13.52
C THR B 124 5.26 5.46 -13.00
N THR B 125 5.69 5.95 -11.83
CA THR B 125 6.89 5.47 -11.16
C THR B 125 6.59 5.29 -9.69
N CYS B 126 6.87 4.10 -9.16
CA CYS B 126 6.64 3.77 -7.77
C CYS B 126 7.94 3.31 -7.13
N LYS B 127 8.17 3.75 -5.90
CA LYS B 127 9.36 3.39 -5.13
C LYS B 127 8.95 2.63 -3.88
N ALA B 128 9.78 1.67 -3.48
CA ALA B 128 9.47 0.86 -2.31
C ALA B 128 9.61 1.69 -1.03
N PHE B 129 8.67 1.50 -0.11
CA PHE B 129 8.65 2.21 1.15
C PHE B 129 9.07 1.27 2.28
N CYS B 130 9.93 1.76 3.16
CA CYS B 130 10.39 1.01 4.33
C CYS B 130 10.02 1.81 5.57
N LYS B 131 9.19 1.22 6.44
CA LYS B 131 8.66 1.93 7.59
C LYS B 131 9.79 2.39 8.51
N ASP B 132 10.59 1.45 9.01
CA ASP B 132 11.72 1.78 9.86
C ASP B 132 12.92 2.33 9.07
N GLY B 133 12.81 2.42 7.74
CA GLY B 133 13.86 2.99 6.91
C GLY B 133 15.09 2.11 6.78
N CYS B 134 15.94 2.39 5.79
CA CYS B 134 17.22 1.73 5.67
C CYS B 134 18.33 2.69 6.07
N ARG B 135 19.44 2.14 6.57
CA ARG B 135 20.52 2.93 7.14
C ARG B 135 21.86 2.46 6.59
N ASN B 136 22.89 3.26 6.86
CA ASN B 136 24.27 2.94 6.51
C ASN B 136 24.46 2.76 5.01
N GLY B 137 23.66 3.45 4.20
CA GLY B 137 23.76 3.37 2.76
C GLY B 137 22.99 2.25 2.12
N GLY B 138 22.09 1.59 2.86
CA GLY B 138 21.30 0.53 2.28
C GLY B 138 20.13 1.05 1.47
N ALA B 139 19.54 0.16 0.69
CA ALA B 139 18.45 0.51 -0.21
C ALA B 139 17.18 -0.25 0.15
N CYS B 140 16.04 0.40 -0.01
CA CYS B 140 14.73 -0.22 0.22
C CYS B 140 14.25 -0.76 -1.13
N ILE B 141 14.43 -2.07 -1.33
CA ILE B 141 14.08 -2.68 -2.60
C ILE B 141 12.62 -3.11 -2.65
N ALA B 142 12.11 -3.64 -1.54
CA ALA B 142 10.71 -4.05 -1.44
C ALA B 142 10.12 -3.43 -0.18
N ALA B 143 8.82 -3.64 0.03
CA ALA B 143 8.14 -3.09 1.19
C ALA B 143 8.67 -3.75 2.46
N ASN B 144 9.24 -2.94 3.35
CA ASN B 144 9.81 -3.41 4.61
C ASN B 144 10.92 -4.44 4.40
N VAL B 145 11.71 -4.24 3.34
CA VAL B 145 12.86 -5.08 3.05
C VAL B 145 13.99 -4.17 2.56
N CYS B 146 15.10 -4.14 3.30
CA CYS B 146 16.26 -3.35 2.92
C CYS B 146 17.34 -4.25 2.33
N ALA B 147 18.02 -3.76 1.31
CA ALA B 147 19.22 -4.39 0.78
C ALA B 147 20.43 -3.67 1.35
N CYS B 148 21.41 -4.45 1.84
CA CYS B 148 22.48 -3.81 2.59
C CYS B 148 23.80 -3.86 1.82
N PRO B 149 24.66 -2.86 2.01
CA PRO B 149 26.02 -2.94 1.47
C PRO B 149 26.79 -4.11 2.08
N GLN B 150 27.96 -4.36 1.49
CA GLN B 150 28.68 -5.61 1.76
C GLN B 150 29.02 -5.79 3.24
N GLY B 151 29.26 -4.70 3.96
CA GLY B 151 29.75 -4.78 5.32
C GLY B 151 28.73 -4.77 6.43
N PHE B 152 27.46 -4.55 6.13
CA PHE B 152 26.41 -4.46 7.14
C PHE B 152 25.39 -5.58 6.96
N THR B 153 24.47 -5.67 7.92
CA THR B 153 23.34 -6.58 7.85
C THR B 153 22.28 -6.08 8.83
N GLY B 154 21.19 -6.84 8.95
CA GLY B 154 20.07 -6.45 9.76
C GLY B 154 18.91 -5.96 8.92
N PRO B 155 17.71 -5.89 9.51
CA PRO B 155 16.54 -5.42 8.75
C PRO B 155 16.63 -3.97 8.32
N SER B 156 17.48 -3.16 8.98
CA SER B 156 17.72 -1.78 8.56
C SER B 156 19.19 -1.54 8.27
N CYS B 157 19.96 -2.62 8.04
CA CYS B 157 21.41 -2.53 7.81
C CYS B 157 22.10 -1.80 8.97
N GLU B 158 21.67 -2.10 10.19
CA GLU B 158 22.20 -1.45 11.37
C GLU B 158 23.26 -2.28 12.10
N THR B 159 23.30 -3.58 11.87
CA THR B 159 24.30 -4.45 12.49
C THR B 159 25.53 -4.53 11.61
N ASP B 160 26.70 -4.45 12.23
CA ASP B 160 27.96 -4.63 11.51
C ASP B 160 28.33 -6.11 11.47
N ILE B 161 28.91 -6.52 10.35
CA ILE B 161 29.46 -7.86 10.23
C ILE B 161 30.85 -7.88 10.85
N ASP B 162 31.09 -8.83 11.76
CA ASP B 162 32.38 -8.98 12.40
C ASP B 162 33.25 -9.84 11.48
N GLU B 163 34.06 -9.18 10.65
CA GLU B 163 34.89 -9.88 9.68
C GLU B 163 36.03 -10.65 10.31
N CYS B 164 36.34 -10.39 11.58
CA CYS B 164 37.38 -11.13 12.28
C CYS B 164 36.85 -12.40 12.93
N SER B 165 35.54 -12.49 13.17
CA SER B 165 34.94 -13.67 13.77
C SER B 165 34.12 -14.50 12.80
N ASP B 166 33.76 -13.97 11.63
CA ASP B 166 33.00 -14.69 10.63
C ASP B 166 33.88 -15.58 9.75
N GLY B 167 35.06 -15.95 10.21
CA GLY B 167 36.05 -16.54 9.33
C GLY B 167 36.47 -15.50 8.32
N PHE B 168 35.85 -15.53 7.14
CA PHE B 168 35.98 -14.47 6.14
C PHE B 168 37.43 -14.13 5.84
N VAL B 169 37.87 -12.95 6.26
CA VAL B 169 39.24 -12.51 6.01
C VAL B 169 40.15 -13.10 7.08
N GLN B 170 41.09 -13.94 6.67
CA GLN B 170 42.10 -14.47 7.58
C GLN B 170 43.29 -13.50 7.60
N CYS B 171 43.09 -12.35 8.25
CA CYS B 171 44.13 -11.33 8.41
C CYS B 171 45.22 -11.90 9.31
N ASP B 172 46.08 -12.72 8.71
CA ASP B 172 47.04 -13.54 9.42
C ASP B 172 48.43 -13.02 9.10
N SER B 173 49.43 -13.86 9.35
CA SER B 173 50.84 -13.55 9.06
C SER B 173 51.27 -12.39 9.97
N ARG B 174 51.68 -11.23 9.47
CA ARG B 174 52.27 -10.23 10.36
C ARG B 174 51.29 -9.13 10.73
N ALA B 175 50.00 -9.43 10.86
CA ALA B 175 48.99 -8.41 11.09
C ALA B 175 47.92 -8.95 12.03
N ASN B 176 47.12 -8.04 12.58
CA ASN B 176 45.99 -8.39 13.42
C ASN B 176 44.72 -7.94 12.74
N CYS B 177 43.65 -8.71 12.90
CA CYS B 177 42.33 -8.33 12.40
C CYS B 177 41.65 -7.44 13.43
N ILE B 178 41.18 -6.28 12.99
CA ILE B 178 40.56 -5.30 13.86
C ILE B 178 39.26 -4.84 13.20
N ASN B 179 38.14 -5.23 13.80
CA ASN B 179 36.84 -4.95 13.22
C ASN B 179 36.50 -3.47 13.35
N LEU B 180 35.78 -2.96 12.36
CA LEU B 180 35.31 -1.58 12.31
C LEU B 180 33.87 -1.58 11.82
N PRO B 181 33.10 -0.54 12.13
CA PRO B 181 31.73 -0.47 11.61
C PRO B 181 31.70 -0.33 10.10
N GLY B 182 31.31 -1.40 9.42
CA GLY B 182 31.24 -1.43 7.97
C GLY B 182 32.36 -2.20 7.30
N TRP B 183 33.49 -2.38 7.98
CA TRP B 183 34.62 -3.07 7.38
C TRP B 183 35.57 -3.51 8.49
N TYR B 184 36.87 -3.52 8.20
CA TYR B 184 37.87 -4.06 9.11
C TYR B 184 39.24 -3.53 8.70
N HIS B 185 40.19 -3.64 9.61
CA HIS B 185 41.57 -3.27 9.35
C HIS B 185 42.48 -4.47 9.51
N CYS B 186 43.63 -4.40 8.84
CA CYS B 186 44.69 -5.41 8.88
C CYS B 186 45.96 -4.66 9.29
N GLU B 187 46.08 -4.43 10.59
CA GLU B 187 47.14 -3.58 11.11
C GLU B 187 48.33 -4.45 11.54
N CYS B 188 49.53 -3.96 11.25
CA CYS B 188 50.74 -4.73 11.53
C CYS B 188 50.96 -4.93 13.02
N ARG B 189 51.53 -6.08 13.37
CA ARG B 189 51.86 -6.35 14.75
C ARG B 189 53.04 -5.47 15.20
N ASP B 190 53.35 -5.55 16.49
CA ASP B 190 54.44 -4.75 17.03
C ASP B 190 55.76 -5.14 16.37
N GLY B 191 56.56 -4.13 16.03
CA GLY B 191 57.80 -4.37 15.34
C GLY B 191 57.68 -4.58 13.84
N TYR B 192 56.54 -4.27 13.25
CA TYR B 192 56.31 -4.41 11.83
C TYR B 192 55.85 -3.09 11.22
N HIS B 193 56.28 -2.85 9.98
CA HIS B 193 55.91 -1.66 9.23
C HIS B 193 55.22 -2.09 7.93
N ASP B 194 54.42 -1.19 7.36
CA ASP B 194 53.70 -1.48 6.13
C ASP B 194 54.59 -1.13 4.94
N ASN B 195 54.96 -2.15 4.17
CA ASN B 195 55.83 -1.96 3.02
C ASN B 195 55.13 -1.14 1.94
N GLY B 196 54.21 -1.76 1.21
CA GLY B 196 53.45 -1.06 0.20
C GLY B 196 52.59 0.03 0.80
N MET B 197 51.85 0.72 -0.08
CA MET B 197 50.95 1.76 0.36
C MET B 197 49.92 1.22 1.35
N PHE B 198 49.29 0.09 1.00
CA PHE B 198 48.36 -0.61 1.88
C PHE B 198 48.03 -1.95 1.22
N SER B 199 47.21 -2.75 1.89
CA SER B 199 46.76 -4.03 1.35
C SER B 199 45.55 -4.54 2.11
N PRO B 200 44.66 -5.33 1.47
CA PRO B 200 43.48 -5.83 2.17
C PRO B 200 43.78 -7.04 3.07
N SER B 201 45.06 -7.29 3.34
CA SER B 201 45.45 -8.40 4.20
C SER B 201 46.80 -8.09 4.82
N GLY B 202 47.36 -9.07 5.53
CA GLY B 202 48.62 -8.95 6.23
C GLY B 202 49.86 -9.08 5.37
N GLU B 203 49.69 -9.16 4.05
CA GLU B 203 50.83 -9.33 3.16
C GLU B 203 51.63 -8.05 3.01
N SER B 204 51.03 -6.89 3.28
CA SER B 204 51.73 -5.62 3.15
C SER B 204 52.74 -5.39 4.27
N CYS B 205 52.49 -5.93 5.48
CA CYS B 205 53.38 -5.64 6.60
C CYS B 205 54.73 -6.31 6.40
N GLU B 206 55.80 -5.60 6.77
CA GLU B 206 57.15 -6.08 6.63
C GLU B 206 57.92 -5.84 7.91
N ASP B 207 58.94 -6.64 8.14
CA ASP B 207 59.80 -6.41 9.29
C ASP B 207 60.61 -5.13 9.07
N ILE B 208 60.79 -4.36 10.14
CA ILE B 208 61.63 -3.17 10.08
C ILE B 208 63.02 -3.55 10.56
N ASP B 209 64.02 -2.83 10.07
CA ASP B 209 65.34 -2.94 10.69
C ASP B 209 65.16 -2.39 12.10
N GLU B 210 65.04 -3.28 13.11
CA GLU B 210 64.61 -2.89 14.44
C GLU B 210 65.72 -2.27 15.27
N CYS B 211 66.77 -1.76 14.64
CA CYS B 211 67.74 -0.87 15.30
C CYS B 211 68.53 -0.08 14.27
N GLY B 212 67.82 0.69 13.45
CA GLY B 212 68.43 1.56 12.48
C GLY B 212 68.08 3.02 12.73
N THR B 213 68.34 3.88 11.75
CA THR B 213 68.04 5.32 11.89
C THR B 213 66.90 5.76 10.98
N SER B 217 68.69 2.69 19.52
CA SER B 217 68.20 1.72 20.49
C SER B 217 69.30 0.72 20.88
N CYS B 218 68.88 -0.50 21.21
CA CYS B 218 69.74 -1.54 21.78
C CYS B 218 70.33 -1.09 23.11
N ALA B 219 71.61 -1.38 23.33
CA ALA B 219 72.33 -1.03 24.54
C ALA B 219 73.55 -0.19 24.18
N ASN B 220 74.18 0.36 25.21
CA ASN B 220 75.36 1.19 25.00
C ASN B 220 76.48 0.41 24.34
N ASP B 221 76.68 -0.85 24.74
CA ASP B 221 77.68 -1.73 24.14
C ASP B 221 76.95 -3.02 23.75
N THR B 222 76.45 -3.05 22.50
CA THR B 222 75.71 -4.20 22.01
C THR B 222 75.77 -4.24 20.50
N ILE B 223 76.21 -5.36 19.95
CA ILE B 223 76.01 -5.64 18.54
C ILE B 223 74.52 -5.80 18.28
N CYS B 224 74.01 -5.21 17.19
CA CYS B 224 72.60 -5.29 16.88
C CYS B 224 72.36 -6.21 15.68
N PHE B 225 71.43 -7.15 15.85
CA PHE B 225 71.03 -8.09 14.81
C PHE B 225 69.56 -7.88 14.45
N ASN B 226 69.22 -8.23 13.21
CA ASN B 226 67.86 -8.12 12.71
C ASN B 226 67.15 -9.46 12.85
N LEU B 227 65.83 -9.41 12.90
CA LEU B 227 65.03 -10.64 12.95
C LEU B 227 63.63 -10.32 12.42
N ASP B 228 62.87 -11.38 12.17
CA ASP B 228 61.56 -11.22 11.51
C ASP B 228 60.65 -10.27 12.28
N GLY B 229 60.77 -10.25 13.60
CA GLY B 229 60.04 -9.31 14.43
C GLY B 229 60.90 -8.96 15.63
N GLY B 230 62.17 -9.35 15.55
CA GLY B 230 63.08 -9.24 16.66
C GLY B 230 63.92 -7.98 16.64
N TYR B 231 64.50 -7.70 17.81
CA TYR B 231 65.33 -6.51 18.06
C TYR B 231 66.39 -6.95 19.08
N ASP B 232 67.47 -7.53 18.56
CA ASP B 232 68.42 -8.30 19.34
C ASP B 232 69.64 -7.47 19.71
N CYS B 233 70.12 -7.62 20.94
CA CYS B 233 71.29 -6.92 21.44
C CYS B 233 72.16 -7.89 22.22
N ARG B 234 73.44 -7.93 21.87
CA ARG B 234 74.37 -8.80 22.59
C ARG B 234 75.76 -8.17 22.53
N CYS B 235 76.65 -8.68 23.38
CA CYS B 235 78.01 -8.17 23.45
C CYS B 235 78.93 -8.98 22.56
N CYS B 241 76.73 -7.02 30.95
CA CYS B 241 76.39 -7.29 29.55
C CYS B 241 74.96 -7.82 29.38
N THR B 242 74.33 -7.45 28.26
CA THR B 242 72.96 -7.84 27.97
C THR B 242 72.95 -8.88 26.85
N GLY B 243 72.20 -9.95 27.05
CA GLY B 243 71.99 -10.96 26.03
C GLY B 243 70.51 -11.15 25.75
N HIS B 244 69.82 -10.04 25.47
CA HIS B 244 68.37 -10.07 25.37
C HIS B 244 67.92 -10.61 24.01
N HIS B 245 66.66 -11.06 23.99
CA HIS B 245 66.03 -11.68 22.82
C HIS B 245 64.61 -11.12 22.72
N HIS B 246 64.47 -10.03 21.96
CA HIS B 246 63.20 -9.31 21.90
C HIS B 246 62.27 -10.00 20.91
N HIS B 247 61.10 -10.41 21.39
CA HIS B 247 60.05 -11.03 20.57
C HIS B 247 60.56 -12.22 19.78
C1 NAG C . 5.62 11.03 -11.65
C2 NAG C . 5.45 12.09 -12.72
C3 NAG C . 6.63 12.05 -13.69
C4 NAG C . 7.95 12.14 -12.93
C5 NAG C . 8.01 11.09 -11.83
C6 NAG C . 9.23 11.21 -10.95
C7 NAG C . 3.18 12.78 -13.36
C8 NAG C . 1.96 12.43 -14.18
N2 NAG C . 4.20 11.91 -13.45
O3 NAG C . 6.53 13.14 -14.61
O4 NAG C . 9.04 11.94 -13.83
O5 NAG C . 6.87 11.22 -10.97
O6 NAG C . 9.10 12.26 -10.01
O7 NAG C . 3.24 13.79 -12.67
C1 NAG C . 10.24 12.18 -14.45
C2 NAG C . 10.96 13.23 -13.59
C3 NAG C . 12.42 13.34 -13.99
C4 NAG C . 13.09 11.97 -13.97
C5 NAG C . 12.29 10.97 -14.79
C6 NAG C . 12.81 9.55 -14.67
C7 NAG C . 9.79 15.17 -12.64
C8 NAG C . 9.15 16.49 -12.93
N2 NAG C . 10.29 14.52 -13.69
O3 NAG C . 13.09 14.24 -13.11
O4 NAG C . 14.41 12.07 -14.50
O5 NAG C . 10.93 10.94 -14.34
O6 NAG C . 11.74 8.62 -14.57
O7 NAG C . 9.83 14.71 -11.50
C1 FUC C . 9.85 11.97 -8.89
C2 FUC C . 10.74 13.11 -8.37
C3 FUC C . 9.89 14.22 -7.75
C4 FUC C . 8.96 13.65 -6.69
C5 FUC C . 8.12 12.50 -7.27
C6 FUC C . 7.29 11.77 -6.22
O2 FUC C . 11.59 13.63 -9.38
O3 FUC C . 10.72 15.19 -7.12
O4 FUC C . 9.71 13.17 -5.58
O5 FUC C . 8.96 11.50 -7.90
C1 NAG D . 22.92 -10.11 7.46
C2 NAG D . 22.08 -11.37 7.60
C3 NAG D . 22.89 -12.58 7.12
C4 NAG D . 23.40 -12.35 5.71
C5 NAG D . 24.16 -11.02 5.63
C6 NAG D . 24.57 -10.66 4.22
C7 NAG D . 20.53 -10.99 9.47
C8 NAG D . 20.23 -11.28 10.90
N2 NAG D . 21.64 -11.55 8.97
O3 NAG D . 22.06 -13.74 7.16
O4 NAG D . 24.28 -13.40 5.34
O5 NAG D . 23.33 -9.95 6.10
O6 NAG D . 25.47 -9.56 4.21
O7 NAG D . 19.82 -10.26 8.79
CA CA E . -37.39 1.53 -10.88
CA CA F . 32.78 -4.88 10.28
CA CA G . 63.62 -6.79 12.65
#